data_4A7S
#
_entry.id   4A7S
#
_cell.length_a   38.030
_cell.length_b   68.140
_cell.length_c   49.050
_cell.angle_alpha   90.00
_cell.angle_beta   104.19
_cell.angle_gamma   90.00
#
_symmetry.space_group_name_H-M   'P 1 21 1'
#
loop_
_entity.id
_entity.type
_entity.pdbx_description
1 polymer 'SUPEROXIDE DISMUTASE [CU-ZN]'
2 non-polymer 'COPPER (II) ION'
3 non-polymer 'ZINC ION'
4 non-polymer 'SULFATE ION'
5 non-polymer 'ACETATE ION'
6 non-polymer 5-FLUOROURIDINE
7 water water
#
_entity_poly.entity_id   1
_entity_poly.type   'polypeptide(L)'
_entity_poly.pdbx_seq_one_letter_code
;ATKAVCVLKGDGPVQGIINFEQKESNGPVKVWGSIKGLTEGLHGFHVHEFGDNTAGCTSAGPHFNPLSRKHGGPKDEERH
VGDLGNVTADKDGVADVSIEDSVISLSGDHCITGRTLVVHEKADDLGKGGNEESTKTGNAGSRLACGVIGIAQ
;
_entity_poly.pdbx_strand_id   A,F
#
loop_
_chem_comp.id
_chem_comp.type
_chem_comp.name
_chem_comp.formula
5UD non-polymer 5-FLUOROURIDINE 'C9 H11 F N2 O6'
ACT non-polymer 'ACETATE ION' 'C2 H3 O2 -1'
CU non-polymer 'COPPER (II) ION' 'Cu 2'
SO4 non-polymer 'SULFATE ION' 'O4 S -2'
ZN non-polymer 'ZINC ION' 'Zn 2'
#
# COMPACT_ATOMS: atom_id res chain seq x y z
N ALA A 1 -1.41 1.73 -20.35
CA ALA A 1 -2.33 1.98 -19.22
C ALA A 1 -1.54 1.87 -17.94
N THR A 2 -2.08 2.49 -16.91
CA THR A 2 -1.55 2.43 -15.56
C THR A 2 -2.56 1.70 -14.74
N LYS A 3 -2.08 0.82 -13.84
CA LYS A 3 -2.93 -0.02 -13.02
C LYS A 3 -2.50 0.07 -11.56
N ALA A 4 -3.48 -0.12 -10.68
CA ALA A 4 -3.25 -0.21 -9.25
C ALA A 4 -4.24 -1.18 -8.65
N VAL A 5 -4.02 -1.58 -7.41
CA VAL A 5 -4.80 -2.64 -6.77
C VAL A 5 -4.82 -2.41 -5.25
N CYS A 6 -5.87 -2.90 -4.61
CA CYS A 6 -5.97 -2.81 -3.19
C CYS A 6 -6.65 -4.03 -2.65
N VAL A 7 -6.05 -4.67 -1.64
CA VAL A 7 -6.63 -5.75 -0.90
C VAL A 7 -7.18 -5.17 0.38
N LEU A 8 -8.51 -5.34 0.57
CA LEU A 8 -9.20 -4.80 1.75
CA LEU A 8 -9.18 -4.80 1.76
C LEU A 8 -9.34 -5.88 2.81
N LYS A 9 -8.88 -5.58 4.03
CA LYS A 9 -8.98 -6.48 5.20
C LYS A 9 -9.20 -5.62 6.42
N GLY A 10 -9.79 -6.21 7.44
CA GLY A 10 -9.88 -5.52 8.73
C GLY A 10 -9.99 -6.54 9.84
N ASP A 11 -10.53 -6.10 10.95
CA ASP A 11 -10.58 -6.95 12.15
C ASP A 11 -11.76 -7.91 12.21
N GLY A 12 -12.75 -7.70 11.36
CA GLY A 12 -13.94 -8.50 11.33
C GLY A 12 -14.04 -9.23 10.01
N PRO A 13 -15.24 -9.44 9.51
CA PRO A 13 -15.44 -10.32 8.36
C PRO A 13 -15.29 -9.64 7.00
N VAL A 14 -15.12 -8.33 6.94
CA VAL A 14 -15.15 -7.61 5.69
C VAL A 14 -13.85 -7.74 4.97
N GLN A 15 -13.93 -8.19 3.75
CA GLN A 15 -12.73 -8.29 2.95
C GLN A 15 -13.04 -8.14 1.48
N GLY A 16 -12.07 -7.67 0.72
CA GLY A 16 -12.32 -7.50 -0.69
C GLY A 16 -11.08 -7.21 -1.48
N ILE A 17 -11.31 -7.06 -2.77
CA ILE A 17 -10.26 -6.81 -3.73
C ILE A 17 -10.78 -5.79 -4.73
N ILE A 18 -10.02 -4.73 -4.94
CA ILE A 18 -10.42 -3.62 -5.81
C ILE A 18 -9.25 -3.27 -6.74
N ASN A 19 -9.56 -3.25 -8.04
CA ASN A 19 -8.64 -2.92 -9.07
C ASN A 19 -8.91 -1.52 -9.64
N PHE A 20 -7.86 -0.85 -10.08
CA PHE A 20 -7.90 0.45 -10.70
C PHE A 20 -7.17 0.41 -12.04
N GLU A 21 -7.73 1.05 -13.06
CA GLU A 21 -7.06 1.11 -14.36
C GLU A 21 -7.31 2.47 -14.97
N GLN A 22 -6.26 3.09 -15.47
CA GLN A 22 -6.33 4.41 -16.06
C GLN A 22 -5.64 4.35 -17.42
N LYS A 23 -6.41 4.48 -18.50
CA LYS A 23 -5.88 4.35 -19.86
C LYS A 23 -4.97 5.50 -20.22
N GLU A 24 -5.29 6.71 -19.75
CA GLU A 24 -4.56 7.91 -20.15
C GLU A 24 -4.23 8.75 -18.95
N SER A 25 -3.10 9.44 -19.02
CA SER A 25 -2.52 10.19 -17.90
C SER A 25 -3.52 11.13 -17.20
N ASN A 26 -4.34 11.79 -17.99
CA ASN A 26 -5.28 12.75 -17.46
C ASN A 26 -6.67 12.20 -17.23
N GLY A 27 -6.83 10.93 -17.55
CA GLY A 27 -8.11 10.38 -17.92
C GLY A 27 -8.83 9.71 -16.78
N PRO A 28 -10.05 9.21 -17.05
CA PRO A 28 -10.82 8.52 -16.00
C PRO A 28 -10.18 7.23 -15.55
N VAL A 29 -10.48 6.87 -14.31
CA VAL A 29 -10.00 5.66 -13.71
C VAL A 29 -11.16 4.72 -13.53
N LYS A 30 -11.05 3.51 -14.08
N LYS A 30 -11.07 3.51 -14.10
CA LYS A 30 -12.02 2.47 -13.82
CA LYS A 30 -12.02 2.45 -13.82
C LYS A 30 -11.67 1.75 -12.53
C LYS A 30 -11.66 1.77 -12.51
N VAL A 31 -12.68 1.49 -11.71
CA VAL A 31 -12.53 0.88 -10.38
C VAL A 31 -13.47 -0.30 -10.30
N TRP A 32 -12.95 -1.50 -10.08
CA TRP A 32 -13.84 -2.65 -10.04
CA TRP A 32 -13.78 -2.70 -10.12
C TRP A 32 -13.30 -3.74 -9.14
N GLY A 33 -14.21 -4.53 -8.64
CA GLY A 33 -13.89 -5.66 -7.77
C GLY A 33 -15.07 -6.11 -6.96
N SER A 34 -14.78 -6.65 -5.79
CA SER A 34 -15.81 -7.27 -4.96
C SER A 34 -15.43 -7.13 -3.51
N ILE A 35 -16.44 -6.88 -2.69
CA ILE A 35 -16.28 -6.81 -1.26
C ILE A 35 -17.36 -7.72 -0.62
N LYS A 36 -16.96 -8.55 0.32
CA LYS A 36 -17.89 -9.45 1.02
C LYS A 36 -17.80 -9.23 2.52
N GLY A 37 -18.72 -9.85 3.24
CA GLY A 37 -18.76 -9.77 4.69
C GLY A 37 -19.49 -8.58 5.23
N LEU A 38 -20.25 -7.89 4.38
CA LEU A 38 -20.91 -6.64 4.74
C LEU A 38 -22.35 -6.86 5.20
N THR A 39 -22.87 -5.93 5.98
CA THR A 39 -24.30 -5.83 6.20
C THR A 39 -24.96 -5.26 4.92
N GLU A 40 -26.21 -5.60 4.70
N GLU A 40 -26.21 -5.62 4.68
CA GLU A 40 -26.96 -5.07 3.56
CA GLU A 40 -26.93 -5.09 3.53
C GLU A 40 -27.04 -3.55 3.59
C GLU A 40 -27.04 -3.57 3.58
N GLY A 41 -26.91 -2.94 2.42
CA GLY A 41 -27.03 -1.52 2.34
C GLY A 41 -25.77 -0.83 1.97
N LEU A 42 -25.75 0.48 2.19
CA LEU A 42 -24.66 1.32 1.76
C LEU A 42 -23.53 1.32 2.75
C LEU A 42 -23.53 1.20 2.74
N HIS A 43 -22.32 1.37 2.20
CA HIS A 43 -21.10 1.49 2.99
C HIS A 43 -20.21 2.51 2.36
N GLY A 44 -19.84 3.56 3.08
CA GLY A 44 -19.03 4.59 2.52
C GLY A 44 -17.72 4.00 1.98
N PHE A 45 -17.21 4.60 0.91
CA PHE A 45 -16.08 4.05 0.14
C PHE A 45 -15.21 5.20 -0.28
N HIS A 46 -14.02 5.29 0.35
CA HIS A 46 -13.19 6.47 0.17
C HIS A 46 -11.73 6.13 0.12
N VAL A 47 -10.97 6.97 -0.58
CA VAL A 47 -9.52 6.99 -0.41
C VAL A 47 -9.21 7.99 0.69
N HIS A 48 -8.50 7.52 1.71
CA HIS A 48 -8.05 8.32 2.82
C HIS A 48 -6.58 8.69 2.61
N GLU A 49 -6.16 9.79 3.26
CA GLU A 49 -4.93 10.48 2.94
C GLU A 49 -3.67 9.59 3.07
N PHE A 50 -3.53 8.88 4.17
CA PHE A 50 -2.28 8.17 4.45
C PHE A 50 -2.41 6.74 4.10
N GLY A 51 -1.36 6.16 3.52
CA GLY A 51 -1.21 4.72 3.37
C GLY A 51 -0.63 4.07 4.62
N ASP A 52 -1.08 4.48 5.79
CA ASP A 52 -0.60 4.02 7.07
C ASP A 52 -1.69 3.18 7.74
N ASN A 53 -1.39 1.91 7.95
CA ASN A 53 -2.30 1.02 8.61
C ASN A 53 -1.68 0.46 9.92
N THR A 54 -0.73 1.22 10.50
CA THR A 54 0.02 0.82 11.68
C THR A 54 -0.87 0.30 12.77
N ALA A 55 -1.91 1.07 13.08
CA ALA A 55 -2.79 0.78 14.16
C ALA A 55 -4.13 0.27 13.64
N GLY A 56 -4.17 -0.24 12.41
CA GLY A 56 -5.39 -0.49 11.73
C GLY A 56 -5.79 0.65 10.83
N CYS A 57 -7.05 0.61 10.43
CA CYS A 57 -7.53 1.55 9.40
C CYS A 57 -7.61 3.00 9.88
N THR A 58 -7.70 3.19 11.18
N THR A 58 -7.70 3.23 11.19
CA THR A 58 -7.70 4.52 11.76
CA THR A 58 -7.76 4.62 11.67
C THR A 58 -6.46 5.37 11.38
C THR A 58 -6.46 5.40 11.39
N SER A 59 -5.34 4.68 11.19
CA SER A 59 -4.10 5.32 10.94
C SER A 59 -4.07 6.07 9.57
N ALA A 60 -5.06 5.77 8.72
CA ALA A 60 -5.12 6.32 7.40
C ALA A 60 -5.56 7.78 7.34
N GLY A 61 -6.04 8.33 8.46
CA GLY A 61 -6.34 9.75 8.49
C GLY A 61 -7.67 10.06 7.79
N PRO A 62 -7.84 11.34 7.44
CA PRO A 62 -9.08 11.82 6.84
C PRO A 62 -9.17 11.45 5.36
N HIS A 63 -10.27 11.81 4.71
CA HIS A 63 -10.35 11.53 3.29
C HIS A 63 -9.23 12.31 2.57
N PHE A 64 -8.71 11.71 1.49
CA PHE A 64 -7.70 12.34 0.67
C PHE A 64 -8.26 13.59 0.00
N ASN A 65 -7.64 14.75 0.29
CA ASN A 65 -8.20 16.05 -0.04
C ASN A 65 -7.11 17.05 -0.42
N PRO A 66 -6.40 16.75 -1.52
CA PRO A 66 -5.30 17.63 -1.90
C PRO A 66 -5.75 19.02 -2.35
N LEU A 67 -7.03 19.23 -2.62
CA LEU A 67 -7.60 20.51 -2.97
C LEU A 67 -8.39 21.22 -1.84
N SER A 68 -8.34 20.76 -0.59
CA SER A 68 -9.01 21.47 0.55
C SER A 68 -10.48 21.83 0.26
N ARG A 69 -11.18 20.87 -0.38
CA ARG A 69 -12.61 21.04 -0.62
C ARG A 69 -13.34 20.37 0.54
N LYS A 70 -14.65 20.58 0.58
CA LYS A 70 -15.52 19.85 1.49
C LYS A 70 -15.94 18.51 0.92
N HIS A 71 -16.44 17.67 1.81
CA HIS A 71 -16.90 16.33 1.44
C HIS A 71 -18.13 16.36 0.58
N GLY A 72 -18.18 15.46 -0.39
CA GLY A 72 -19.37 15.27 -1.20
C GLY A 72 -19.40 13.87 -1.77
N GLY A 73 -20.27 13.69 -2.74
CA GLY A 73 -20.36 12.44 -3.49
C GLY A 73 -19.49 12.51 -4.72
N PRO A 74 -19.31 11.35 -5.39
CA PRO A 74 -18.41 11.30 -6.52
C PRO A 74 -18.93 12.07 -7.68
N LYS A 75 -20.25 12.29 -7.75
CA LYS A 75 -20.82 13.06 -8.85
C LYS A 75 -20.98 14.55 -8.54
N ASP A 76 -20.44 15.04 -7.43
CA ASP A 76 -20.51 16.42 -7.02
C ASP A 76 -19.24 17.15 -7.40
N GLU A 77 -19.37 18.42 -7.72
CA GLU A 77 -18.21 19.29 -7.90
C GLU A 77 -17.44 19.46 -6.58
N GLU A 78 -18.18 19.75 -5.52
CA GLU A 78 -17.60 19.96 -4.19
C GLU A 78 -17.45 18.61 -3.54
N ARG A 79 -16.23 18.06 -3.61
CA ARG A 79 -15.91 16.75 -3.08
C ARG A 79 -14.42 16.74 -2.78
N HIS A 80 -14.03 15.80 -1.93
CA HIS A 80 -12.64 15.42 -1.74
C HIS A 80 -12.23 14.55 -2.94
N VAL A 81 -10.95 14.58 -3.29
CA VAL A 81 -10.51 13.64 -4.33
C VAL A 81 -10.88 12.23 -3.95
N GLY A 82 -10.74 11.85 -2.69
CA GLY A 82 -11.02 10.48 -2.27
C GLY A 82 -12.47 10.07 -2.13
N ASP A 83 -13.43 10.92 -2.50
CA ASP A 83 -14.85 10.66 -2.30
C ASP A 83 -15.40 9.79 -3.42
N LEU A 84 -15.42 8.48 -3.16
CA LEU A 84 -15.98 7.51 -4.10
C LEU A 84 -17.37 7.02 -3.74
N GLY A 85 -18.02 7.72 -2.80
CA GLY A 85 -19.41 7.46 -2.54
C GLY A 85 -19.65 6.28 -1.62
N ASN A 86 -20.47 5.36 -2.07
CA ASN A 86 -20.85 4.16 -1.36
C ASN A 86 -20.72 2.93 -2.24
N VAL A 87 -20.40 1.80 -1.62
CA VAL A 87 -20.67 0.51 -2.23
C VAL A 87 -21.96 0.00 -1.61
N THR A 88 -22.69 -0.81 -2.31
CA THR A 88 -23.97 -1.31 -1.84
C THR A 88 -23.98 -2.82 -1.82
N ALA A 89 -24.19 -3.38 -0.63
CA ALA A 89 -24.26 -4.81 -0.41
C ALA A 89 -25.68 -5.29 -0.39
N ASP A 90 -25.85 -6.45 -1.03
CA ASP A 90 -27.11 -7.19 -0.93
C ASP A 90 -27.19 -8.00 0.37
N LYS A 91 -28.28 -8.73 0.53
CA LYS A 91 -28.47 -9.61 1.66
C LYS A 91 -27.35 -10.59 1.87
N ASP A 92 -26.73 -11.00 0.81
CA ASP A 92 -25.60 -11.90 0.99
C ASP A 92 -24.32 -11.27 1.50
N GLY A 93 -24.34 -9.96 1.65
CA GLY A 93 -23.20 -9.24 2.20
C GLY A 93 -22.13 -8.93 1.16
N VAL A 94 -22.45 -9.10 -0.11
CA VAL A 94 -21.54 -8.83 -1.20
C VAL A 94 -21.90 -7.57 -1.93
N ALA A 95 -20.90 -6.71 -2.14
CA ALA A 95 -21.02 -5.61 -3.08
C ALA A 95 -20.15 -5.87 -4.28
N ASP A 96 -20.72 -5.71 -5.45
N ASP A 96 -20.77 -5.77 -5.43
CA ASP A 96 -20.01 -5.96 -6.74
CA ASP A 96 -19.94 -5.76 -6.62
C ASP A 96 -19.69 -4.62 -7.42
C ASP A 96 -19.68 -4.33 -6.96
N VAL A 97 -18.43 -4.10 -7.28
CA VAL A 97 -18.05 -2.73 -7.58
C VAL A 97 -17.64 -2.60 -9.04
N SER A 98 -18.20 -1.61 -9.74
CA SER A 98 -17.79 -1.28 -11.13
CA SER A 98 -17.78 -1.28 -11.10
C SER A 98 -18.22 0.13 -11.44
N ILE A 99 -17.26 1.04 -11.25
N ILE A 99 -17.27 1.04 -11.28
CA ILE A 99 -17.47 2.45 -11.50
CA ILE A 99 -17.54 2.46 -11.45
C ILE A 99 -16.32 3.06 -12.24
C ILE A 99 -16.30 3.16 -11.98
N GLU A 100 -16.55 4.30 -12.64
CA GLU A 100 -15.53 5.08 -13.26
C GLU A 100 -15.49 6.43 -12.55
N ASP A 101 -14.31 6.94 -12.31
CA ASP A 101 -14.19 8.22 -11.63
C ASP A 101 -13.16 9.04 -12.35
N SER A 102 -13.46 10.32 -12.53
CA SER A 102 -12.68 11.28 -13.28
CA SER A 102 -12.54 11.19 -13.27
C SER A 102 -11.80 12.20 -12.42
N VAL A 103 -11.95 12.11 -11.09
CA VAL A 103 -11.24 13.00 -10.16
C VAL A 103 -9.98 12.32 -9.57
N ILE A 104 -10.11 11.07 -9.14
CA ILE A 104 -8.92 10.31 -8.76
C ILE A 104 -8.02 10.14 -9.99
N SER A 105 -6.74 9.89 -9.72
CA SER A 105 -5.78 9.52 -10.74
C SER A 105 -4.82 8.50 -10.19
N LEU A 106 -4.08 7.88 -11.10
CA LEU A 106 -2.96 6.98 -10.74
C LEU A 106 -1.59 7.64 -11.01
N SER A 107 -1.59 8.94 -11.20
CA SER A 107 -0.37 9.72 -11.28
C SER A 107 -0.66 11.16 -10.89
N GLY A 108 0.39 11.90 -10.63
CA GLY A 108 0.29 13.30 -10.27
C GLY A 108 -0.31 13.64 -8.93
N ASP A 109 -0.83 14.86 -8.82
CA ASP A 109 -1.31 15.43 -7.57
CA ASP A 109 -1.25 15.34 -7.49
C ASP A 109 -2.57 14.73 -7.04
N HIS A 110 -3.37 14.21 -7.94
CA HIS A 110 -4.60 13.48 -7.60
C HIS A 110 -4.32 11.99 -7.40
N CYS A 111 -3.04 11.58 -7.37
CA CYS A 111 -2.66 10.15 -7.28
CA CYS A 111 -2.73 10.15 -7.31
C CYS A 111 -3.13 9.53 -5.97
N ILE A 112 -3.82 8.42 -6.06
CA ILE A 112 -4.28 7.70 -4.90
C ILE A 112 -3.38 6.55 -4.49
N THR A 113 -2.43 6.19 -5.36
CA THR A 113 -1.50 5.12 -5.04
CA THR A 113 -1.54 5.08 -4.99
C THR A 113 -0.67 5.48 -3.81
N GLY A 114 -0.44 4.50 -2.96
CA GLY A 114 0.27 4.75 -1.69
C GLY A 114 -0.60 5.31 -0.58
N ARG A 115 -1.91 5.46 -0.86
CA ARG A 115 -2.89 5.92 0.13
C ARG A 115 -3.80 4.75 0.46
N THR A 116 -4.78 4.91 1.34
CA THR A 116 -5.58 3.82 1.83
C THR A 116 -6.99 3.89 1.29
N LEU A 117 -7.49 2.79 0.76
CA LEU A 117 -8.90 2.65 0.42
C LEU A 117 -9.62 2.03 1.62
N VAL A 118 -10.76 2.61 2.00
CA VAL A 118 -11.52 2.21 3.18
C VAL A 118 -12.98 1.97 2.81
N VAL A 119 -13.53 0.88 3.36
CA VAL A 119 -14.96 0.63 3.35
C VAL A 119 -15.48 0.78 4.77
N HIS A 120 -16.54 1.59 4.88
CA HIS A 120 -17.06 2.03 6.17
C HIS A 120 -18.31 1.26 6.64
N GLU A 121 -18.57 1.44 7.93
CA GLU A 121 -19.67 0.83 8.66
C GLU A 121 -21.04 1.16 8.09
N LYS A 122 -21.22 2.43 7.73
CA LYS A 122 -22.51 3.07 7.54
C LYS A 122 -22.51 3.68 6.14
N ALA A 123 -23.68 4.18 5.77
CA ALA A 123 -23.84 4.99 4.56
C ALA A 123 -23.11 6.31 4.66
N ASP A 124 -22.48 6.72 3.56
CA ASP A 124 -22.03 8.08 3.34
C ASP A 124 -23.24 8.86 2.81
N ASP A 125 -23.55 9.97 3.50
CA ASP A 125 -24.65 10.85 3.10
C ASP A 125 -24.28 11.89 2.06
N LEU A 126 -23.09 11.74 1.53
CA LEU A 126 -22.61 12.53 0.41
C LEU A 126 -22.67 14.02 0.69
N GLY A 127 -22.52 14.42 1.95
CA GLY A 127 -22.53 15.81 2.35
C GLY A 127 -23.90 16.44 2.47
N LYS A 128 -24.95 15.62 2.42
CA LYS A 128 -26.33 16.10 2.44
C LYS A 128 -27.02 15.79 3.75
N GLY A 129 -26.25 15.46 4.77
CA GLY A 129 -26.84 15.06 6.00
C GLY A 129 -27.22 16.19 6.95
N GLY A 130 -26.88 17.44 6.67
CA GLY A 130 -27.36 18.57 7.52
C GLY A 130 -26.62 18.80 8.83
N ASN A 131 -25.38 18.37 8.90
CA ASN A 131 -24.53 18.64 10.06
C ASN A 131 -23.10 18.89 9.61
N GLU A 132 -22.26 19.43 10.48
CA GLU A 132 -20.89 19.74 10.10
C GLU A 132 -20.19 18.47 9.69
N GLU A 133 -20.39 17.38 10.44
CA GLU A 133 -19.68 16.16 10.09
C GLU A 133 -20.04 15.65 8.69
N SER A 134 -21.24 15.94 8.22
CA SER A 134 -21.64 15.48 6.91
C SER A 134 -20.68 16.01 5.85
N THR A 135 -20.24 17.25 6.01
CA THR A 135 -19.38 17.87 4.99
C THR A 135 -17.89 17.64 5.28
N LYS A 136 -17.61 16.70 6.19
CA LYS A 136 -16.25 16.27 6.49
C LYS A 136 -16.05 14.78 6.16
N THR A 137 -16.93 13.93 6.71
CA THR A 137 -16.84 12.45 6.56
C THR A 137 -18.04 11.79 5.92
N GLY A 138 -19.13 12.52 5.72
CA GLY A 138 -20.38 11.92 5.25
C GLY A 138 -21.09 11.07 6.29
N ASN A 139 -20.65 11.10 7.55
CA ASN A 139 -21.28 10.32 8.61
C ASN A 139 -21.26 8.81 8.33
N ALA A 140 -20.18 8.34 7.70
CA ALA A 140 -20.10 6.95 7.30
C ALA A 140 -19.59 6.01 8.39
N GLY A 141 -19.30 6.53 9.58
CA GLY A 141 -18.93 5.64 10.68
C GLY A 141 -17.60 4.99 10.55
N SER A 142 -17.44 3.90 11.27
CA SER A 142 -16.14 3.31 11.50
C SER A 142 -15.63 2.62 10.23
N ARG A 143 -14.40 2.12 10.32
CA ARG A 143 -13.67 1.62 9.18
C ARG A 143 -13.66 0.11 9.28
N LEU A 144 -14.43 -0.57 8.45
CA LEU A 144 -14.56 -2.03 8.55
C LEU A 144 -13.39 -2.77 7.94
N ALA A 145 -12.87 -2.27 6.83
CA ALA A 145 -11.75 -2.90 6.13
C ALA A 145 -11.05 -1.82 5.33
N CYS A 146 -9.78 -2.05 5.06
CA CYS A 146 -8.96 -1.12 4.34
C CYS A 146 -7.75 -1.82 3.76
N GLY A 147 -7.06 -1.12 2.88
CA GLY A 147 -5.75 -1.55 2.39
C GLY A 147 -5.05 -0.40 1.72
N VAL A 148 -3.73 -0.55 1.57
CA VAL A 148 -2.96 0.44 0.88
C VAL A 148 -3.03 0.15 -0.62
N ILE A 149 -3.24 1.20 -1.42
CA ILE A 149 -3.34 1.05 -2.86
C ILE A 149 -1.95 0.95 -3.41
N GLY A 150 -1.72 -0.10 -4.19
CA GLY A 150 -0.36 -0.34 -4.74
C GLY A 150 -0.30 -0.40 -6.25
N ILE A 151 0.91 -0.15 -6.75
CA ILE A 151 1.17 -0.21 -8.19
C ILE A 151 0.98 -1.66 -8.65
N ALA A 152 0.28 -1.86 -9.74
CA ALA A 152 0.02 -3.18 -10.28
C ALA A 152 0.73 -3.36 -11.65
N GLN A 153 0.93 -4.62 -12.00
CA GLN A 153 1.57 -5.07 -13.22
C GLN A 153 0.65 -4.83 -14.40
N ALA B 1 10.29 17.18 5.46
CA ALA B 1 10.60 15.73 5.30
C ALA B 1 9.42 15.00 4.71
N THR B 2 9.73 13.85 4.13
CA THR B 2 8.75 12.94 3.53
C THR B 2 8.83 11.65 4.32
N LYS B 3 7.70 11.01 4.53
N LYS B 3 7.68 11.06 4.66
CA LYS B 3 7.65 9.82 5.34
CA LYS B 3 7.62 9.83 5.43
C LYS B 3 6.76 8.78 4.74
C LYS B 3 6.83 8.78 4.68
N ALA B 4 7.11 7.52 5.00
CA ALA B 4 6.34 6.39 4.50
C ALA B 4 6.36 5.31 5.56
N VAL B 5 5.52 4.31 5.40
CA VAL B 5 5.37 3.27 6.41
C VAL B 5 4.91 1.98 5.75
N CYS B 6 5.20 0.84 6.41
CA CYS B 6 4.79 -0.45 5.90
C CYS B 6 4.50 -1.40 7.05
N VAL B 7 3.32 -1.98 7.04
CA VAL B 7 2.92 -3.02 7.95
C VAL B 7 3.14 -4.39 7.30
N LEU B 8 4.00 -5.22 7.90
CA LEU B 8 4.33 -6.52 7.34
C LEU B 8 3.48 -7.59 7.99
N LYS B 9 2.79 -8.37 7.16
CA LYS B 9 1.96 -9.50 7.60
C LYS B 9 2.07 -10.62 6.56
N GLY B 10 1.80 -11.82 6.97
CA GLY B 10 1.75 -12.94 6.05
C GLY B 10 0.86 -14.06 6.55
N ASP B 11 1.16 -15.27 6.13
CA ASP B 11 0.32 -16.43 6.48
C ASP B 11 0.74 -17.17 7.73
N GLY B 12 1.80 -16.67 8.34
CA GLY B 12 2.42 -17.39 9.47
C GLY B 12 2.61 -16.43 10.62
N PRO B 13 3.56 -16.76 11.51
CA PRO B 13 3.77 -15.88 12.63
C PRO B 13 4.57 -14.57 12.39
N VAL B 14 5.13 -14.38 11.20
CA VAL B 14 5.99 -13.21 10.98
C VAL B 14 5.14 -11.97 10.77
N GLN B 15 5.44 -10.91 11.54
CA GLN B 15 4.81 -9.60 11.33
C GLN B 15 5.70 -8.49 11.84
N GLY B 16 5.51 -7.29 11.33
CA GLY B 16 6.31 -6.20 11.73
C GLY B 16 5.85 -4.86 11.23
N ILE B 17 6.64 -3.85 11.54
CA ILE B 17 6.35 -2.48 11.20
C ILE B 17 7.67 -1.79 10.82
N ILE B 18 7.67 -1.13 9.66
CA ILE B 18 8.88 -0.46 9.15
C ILE B 18 8.49 0.96 8.71
N ASN B 19 9.26 1.92 9.18
CA ASN B 19 9.11 3.32 8.89
C ASN B 19 10.23 3.80 7.99
N PHE B 20 9.89 4.77 7.14
CA PHE B 20 10.83 5.39 6.21
C PHE B 20 10.76 6.90 6.43
N GLU B 21 11.90 7.56 6.44
CA GLU B 21 11.94 9.02 6.48
C GLU B 21 13.02 9.56 5.56
N GLN B 22 12.68 10.58 4.79
CA GLN B 22 13.61 11.19 3.84
C GLN B 22 13.57 12.69 4.13
N LYS B 23 14.60 13.19 4.77
CA LYS B 23 14.62 14.56 5.26
C LYS B 23 14.70 15.60 4.11
N GLU B 24 15.48 15.28 3.08
CA GLU B 24 15.70 16.15 1.93
C GLU B 24 15.22 15.45 0.69
N SER B 25 14.63 16.18 -0.25
CA SER B 25 14.22 15.56 -1.50
C SER B 25 15.44 14.93 -2.17
N ASN B 26 15.27 13.69 -2.59
CA ASN B 26 16.35 12.91 -3.20
C ASN B 26 17.52 12.53 -2.28
N GLY B 27 17.41 12.83 -0.98
CA GLY B 27 18.43 12.53 0.00
C GLY B 27 18.32 11.11 0.52
N PRO B 28 19.17 10.74 1.49
CA PRO B 28 19.12 9.41 2.08
C PRO B 28 17.80 9.15 2.80
N VAL B 29 17.41 7.88 2.83
CA VAL B 29 16.19 7.48 3.46
C VAL B 29 16.58 6.65 4.67
N LYS B 30 16.14 7.09 5.86
N LYS B 30 16.11 7.07 5.84
CA LYS B 30 16.24 6.28 7.07
CA LYS B 30 16.24 6.28 7.06
C LYS B 30 15.12 5.25 7.09
C LYS B 30 15.11 5.27 7.14
N VAL B 31 15.46 4.02 7.45
CA VAL B 31 14.52 2.89 7.51
C VAL B 31 14.65 2.26 8.88
N TRP B 32 13.58 2.18 9.64
CA TRP B 32 13.69 1.67 11.01
C TRP B 32 12.41 1.03 11.44
N GLY B 33 12.54 0.05 12.31
CA GLY B 33 11.36 -0.62 12.86
C GLY B 33 11.73 -1.95 13.49
N SER B 34 10.79 -2.89 13.49
CA SER B 34 10.98 -4.17 14.16
C SER B 34 10.14 -5.22 13.47
N ILE B 35 10.74 -6.39 13.36
CA ILE B 35 10.06 -7.55 12.82
C ILE B 35 10.18 -8.70 13.80
N LYS B 36 9.07 -9.37 14.08
CA LYS B 36 9.04 -10.49 15.03
C LYS B 36 8.56 -11.79 14.37
N GLY B 37 8.67 -12.90 15.09
CA GLY B 37 8.20 -14.19 14.60
C GLY B 37 9.15 -14.93 13.67
N LEU B 38 10.38 -14.44 13.55
CA LEU B 38 11.38 -14.91 12.58
C LEU B 38 12.25 -16.01 13.21
N THR B 39 12.76 -16.89 12.36
CA THR B 39 13.78 -17.82 12.78
C THR B 39 15.09 -17.05 12.98
N GLU B 40 15.90 -17.56 13.91
CA GLU B 40 17.22 -17.00 14.16
C GLU B 40 18.04 -17.02 12.87
N GLY B 41 18.64 -15.89 12.53
CA GLY B 41 19.47 -15.75 11.39
C GLY B 41 19.04 -14.68 10.44
N LEU B 42 19.55 -14.74 9.19
CA LEU B 42 19.29 -13.71 8.20
C LEU B 42 18.02 -13.96 7.44
N HIS B 43 17.39 -12.87 7.07
CA HIS B 43 16.17 -12.89 6.26
C HIS B 43 16.29 -11.79 5.21
N GLY B 44 16.22 -12.15 3.94
CA GLY B 44 16.32 -11.16 2.88
C GLY B 44 15.24 -10.09 3.02
N PHE B 45 15.58 -8.87 2.64
CA PHE B 45 14.73 -7.72 2.93
C PHE B 45 14.78 -6.80 1.71
N HIS B 46 13.66 -6.74 1.00
CA HIS B 46 13.64 -6.05 -0.31
C HIS B 46 12.37 -5.32 -0.58
N VAL B 47 12.47 -4.26 -1.34
CA VAL B 47 11.29 -3.67 -1.97
C VAL B 47 11.11 -4.44 -3.30
N HIS B 48 9.92 -4.99 -3.49
CA HIS B 48 9.54 -5.63 -4.74
C HIS B 48 8.80 -4.65 -5.64
N GLU B 49 8.68 -5.00 -6.90
CA GLU B 49 8.25 -4.08 -7.90
CA GLU B 49 8.27 -4.10 -7.94
C GLU B 49 6.84 -3.58 -7.79
N PHE B 50 5.90 -4.48 -7.50
CA PHE B 50 4.51 -4.14 -7.50
C PHE B 50 3.99 -4.09 -6.07
N GLY B 51 3.03 -3.20 -5.86
CA GLY B 51 2.28 -3.14 -4.60
C GLY B 51 1.03 -3.97 -4.63
N ASP B 52 1.10 -5.13 -5.25
CA ASP B 52 -0.01 -6.04 -5.42
C ASP B 52 0.13 -7.20 -4.47
N ASN B 53 -0.83 -7.33 -3.53
CA ASN B 53 -0.89 -8.44 -2.58
CA ASN B 53 -0.81 -8.49 -2.66
C ASN B 53 -2.13 -9.31 -2.83
N THR B 54 -2.70 -9.27 -4.06
CA THR B 54 -3.95 -9.97 -4.38
C THR B 54 -3.92 -11.39 -3.91
N ALA B 55 -2.88 -12.13 -4.26
CA ALA B 55 -2.76 -13.54 -3.96
C ALA B 55 -1.77 -13.78 -2.81
N GLY B 56 -1.51 -12.74 -2.00
CA GLY B 56 -0.43 -12.75 -1.04
C GLY B 56 0.83 -12.11 -1.59
N CYS B 57 1.94 -12.37 -0.92
CA CYS B 57 3.20 -11.68 -1.22
C CYS B 57 3.78 -12.01 -2.60
N THR B 58 3.43 -13.15 -3.16
CA THR B 58 3.88 -13.51 -4.48
C THR B 58 3.48 -12.53 -5.56
N SER B 59 2.35 -11.84 -5.37
CA SER B 59 1.80 -10.93 -6.35
C SER B 59 2.65 -9.66 -6.53
N ALA B 60 3.63 -9.46 -5.62
CA ALA B 60 4.50 -8.30 -5.68
C ALA B 60 5.55 -8.41 -6.75
N GLY B 61 5.71 -9.59 -7.35
CA GLY B 61 6.69 -9.70 -8.43
C GLY B 61 8.13 -9.71 -7.99
N PRO B 62 9.04 -9.35 -8.90
CA PRO B 62 10.46 -9.39 -8.62
C PRO B 62 10.92 -8.20 -7.79
N HIS B 63 12.19 -8.13 -7.47
CA HIS B 63 12.64 -6.98 -6.75
C HIS B 63 12.44 -5.70 -7.59
N PHE B 64 12.21 -4.57 -6.93
CA PHE B 64 12.05 -3.28 -7.62
C PHE B 64 13.38 -2.91 -8.28
N ASN B 65 13.34 -2.84 -9.60
CA ASN B 65 14.55 -2.80 -10.43
C ASN B 65 14.35 -1.85 -11.60
N PRO B 66 14.16 -0.56 -11.33
CA PRO B 66 13.87 0.39 -12.41
C PRO B 66 15.01 0.53 -13.42
N LEU B 67 16.26 0.26 -13.01
CA LEU B 67 17.44 0.41 -13.86
C LEU B 67 17.86 -0.91 -14.53
N SER B 68 17.11 -1.98 -14.36
CA SER B 68 17.41 -3.25 -15.05
C SER B 68 18.82 -3.76 -14.74
N ARG B 69 19.21 -3.66 -13.48
CA ARG B 69 20.49 -4.18 -13.00
C ARG B 69 20.34 -5.56 -12.44
N LYS B 70 21.49 -6.16 -12.12
CA LYS B 70 21.50 -7.45 -11.41
C LYS B 70 21.36 -7.22 -9.93
N HIS B 71 20.98 -8.27 -9.22
CA HIS B 71 20.82 -8.26 -7.77
C HIS B 71 22.17 -8.06 -7.08
N GLY B 72 22.12 -7.33 -5.99
CA GLY B 72 23.28 -7.16 -5.12
C GLY B 72 22.90 -6.81 -3.73
N GLY B 73 23.88 -6.36 -2.97
CA GLY B 73 23.62 -5.83 -1.65
C GLY B 73 23.49 -4.32 -1.68
N PRO B 74 23.02 -3.75 -0.56
CA PRO B 74 22.77 -2.34 -0.53
C PRO B 74 24.03 -1.49 -0.74
N LYS B 75 25.18 -2.00 -0.33
CA LYS B 75 26.43 -1.25 -0.48
C LYS B 75 27.01 -1.35 -1.89
N ASP B 76 26.44 -2.16 -2.78
CA ASP B 76 27.01 -2.38 -4.08
C ASP B 76 26.48 -1.37 -5.08
N GLU B 77 27.33 -0.94 -6.00
N GLU B 77 27.29 -0.96 -6.05
CA GLU B 77 26.86 -0.19 -7.17
CA GLU B 77 26.74 -0.14 -7.13
C GLU B 77 25.86 -1.01 -7.99
C GLU B 77 25.86 -0.99 -8.07
N GLU B 78 26.23 -2.26 -8.29
CA GLU B 78 25.39 -3.18 -9.03
C GLU B 78 24.39 -3.83 -8.08
N ARG B 79 23.19 -3.24 -8.06
CA ARG B 79 22.09 -3.71 -7.24
C ARG B 79 20.81 -3.29 -7.86
N HIS B 80 19.72 -3.91 -7.45
CA HIS B 80 18.38 -3.42 -7.68
C HIS B 80 18.10 -2.27 -6.73
N VAL B 81 17.29 -1.27 -7.15
CA VAL B 81 16.92 -0.24 -6.20
C VAL B 81 16.33 -0.85 -4.91
N GLY B 82 15.54 -1.90 -5.05
CA GLY B 82 14.90 -2.52 -3.91
C GLY B 82 15.77 -3.39 -3.02
N ASP B 83 17.07 -3.50 -3.28
CA ASP B 83 17.94 -4.39 -2.54
C ASP B 83 18.41 -3.76 -1.21
N LEU B 84 17.73 -4.12 -0.13
CA LEU B 84 18.06 -3.64 1.19
C LEU B 84 18.75 -4.71 2.03
N GLY B 85 19.22 -5.77 1.42
CA GLY B 85 20.06 -6.72 2.12
C GLY B 85 19.30 -7.71 2.95
N ASN B 86 19.69 -7.83 4.22
CA ASN B 86 19.11 -8.76 5.17
C ASN B 86 18.76 -8.04 6.46
N VAL B 87 17.72 -8.53 7.12
CA VAL B 87 17.51 -8.28 8.55
C VAL B 87 17.97 -9.51 9.30
N THR B 88 18.37 -9.35 10.53
CA THR B 88 18.97 -10.46 11.27
C THR B 88 18.21 -10.59 12.60
N ALA B 89 17.62 -11.77 12.82
CA ALA B 89 16.91 -12.09 14.04
C ALA B 89 17.73 -12.92 14.98
N ASP B 90 17.59 -12.63 16.27
CA ASP B 90 18.16 -13.43 17.34
CA ASP B 90 18.15 -13.45 17.33
C ASP B 90 17.17 -14.57 17.68
N LYS B 91 17.52 -15.37 18.67
CA LYS B 91 16.69 -16.43 19.18
C LYS B 91 15.32 -15.97 19.63
N ASP B 92 15.20 -14.72 20.04
CA ASP B 92 13.91 -14.09 20.41
C ASP B 92 12.99 -13.92 19.20
N GLY B 93 13.48 -14.18 17.98
CA GLY B 93 12.68 -14.05 16.76
C GLY B 93 12.51 -12.61 16.26
N VAL B 94 13.25 -11.68 16.86
CA VAL B 94 13.12 -10.25 16.57
C VAL B 94 14.33 -9.74 15.86
N ALA B 95 14.07 -9.00 14.77
CA ALA B 95 15.08 -8.17 14.14
C ALA B 95 14.74 -6.75 14.39
N ASP B 96 15.68 -6.03 14.97
CA ASP B 96 15.45 -4.61 15.23
CA ASP B 96 15.47 -4.61 15.23
C ASP B 96 16.16 -3.81 14.17
N VAL B 97 15.41 -3.24 13.23
CA VAL B 97 15.93 -2.65 12.00
C VAL B 97 16.28 -1.16 12.09
N SER B 98 17.46 -0.76 11.61
CA SER B 98 17.90 0.65 11.60
C SER B 98 18.99 0.81 10.53
N ILE B 99 18.53 1.16 9.32
CA ILE B 99 19.25 1.19 8.03
C ILE B 99 19.20 2.66 7.56
N GLU B 100 20.18 3.11 6.80
CA GLU B 100 20.03 4.24 5.93
C GLU B 100 20.40 3.79 4.53
N ASP B 101 19.63 4.21 3.54
CA ASP B 101 19.91 3.87 2.16
C ASP B 101 19.74 5.11 1.28
N SER B 102 20.64 5.23 0.31
N SER B 102 20.63 5.32 0.31
CA SER B 102 20.70 6.38 -0.57
CA SER B 102 20.50 6.50 -0.57
C SER B 102 20.26 6.12 -1.99
C SER B 102 20.04 6.18 -1.97
N VAL B 103 19.76 4.90 -2.25
CA VAL B 103 19.29 4.49 -3.57
C VAL B 103 17.76 4.47 -3.64
N ILE B 104 17.12 3.90 -2.64
CA ILE B 104 15.68 4.05 -2.51
C ILE B 104 15.35 5.51 -2.31
N SER B 105 14.12 5.87 -2.64
CA SER B 105 13.64 7.24 -2.44
C SER B 105 12.15 7.19 -2.14
N LEU B 106 11.66 8.28 -1.56
CA LEU B 106 10.22 8.47 -1.34
C LEU B 106 9.63 9.47 -2.36
N SER B 107 10.39 9.79 -3.40
CA SER B 107 9.88 10.51 -4.54
C SER B 107 10.65 10.07 -5.81
N GLY B 108 10.23 10.56 -6.97
CA GLY B 108 10.94 10.32 -8.22
C GLY B 108 10.89 8.90 -8.78
N ASP B 109 11.79 8.62 -9.73
CA ASP B 109 11.71 7.36 -10.45
C ASP B 109 12.08 6.17 -9.59
N HIS B 110 12.79 6.44 -8.49
CA HIS B 110 13.19 5.40 -7.57
C HIS B 110 12.29 5.36 -6.32
N CYS B 111 11.12 5.93 -6.42
CA CYS B 111 10.19 5.95 -5.33
C CYS B 111 9.64 4.57 -5.04
N ILE B 112 9.74 4.19 -3.77
CA ILE B 112 9.30 2.89 -3.31
C ILE B 112 7.86 2.86 -2.79
N THR B 113 7.30 4.05 -2.62
N THR B 113 7.29 4.03 -2.52
CA THR B 113 5.92 4.15 -2.18
CA THR B 113 5.90 4.06 -2.03
C THR B 113 4.96 3.46 -3.18
C THR B 113 4.96 3.51 -3.11
N GLY B 114 3.97 2.75 -2.66
CA GLY B 114 3.07 2.00 -3.53
C GLY B 114 3.58 0.65 -3.98
N ARG B 115 4.75 0.28 -3.51
CA ARG B 115 5.38 -1.02 -3.82
C ARG B 115 5.38 -1.86 -2.55
N THR B 116 5.81 -3.11 -2.62
CA THR B 116 5.71 -4.04 -1.53
C THR B 116 7.06 -4.29 -0.87
N LEU B 117 7.15 -4.11 0.44
CA LEU B 117 8.31 -4.54 1.22
C LEU B 117 8.10 -5.97 1.64
N VAL B 118 9.13 -6.80 1.46
CA VAL B 118 9.06 -8.23 1.76
C VAL B 118 10.20 -8.64 2.68
N VAL B 119 9.87 -9.48 3.68
CA VAL B 119 10.89 -10.18 4.45
C VAL B 119 10.80 -11.65 4.11
N HIS B 120 11.98 -12.22 3.79
CA HIS B 120 12.07 -13.50 3.16
C HIS B 120 12.46 -14.64 4.15
N GLU B 121 12.29 -15.85 3.68
CA GLU B 121 12.54 -17.09 4.43
C GLU B 121 13.94 -17.23 4.94
N LYS B 122 14.88 -16.90 4.10
CA LYS B 122 16.28 -17.19 4.43
C LYS B 122 17.20 -16.09 3.96
N ALA B 123 18.49 -16.32 4.03
CA ALA B 123 19.45 -15.30 3.77
C ALA B 123 19.48 -14.89 2.29
N ASP B 124 19.67 -13.60 2.07
CA ASP B 124 20.07 -13.06 0.78
C ASP B 124 21.61 -13.12 0.70
N ASP B 125 22.11 -13.77 -0.33
CA ASP B 125 23.55 -13.91 -0.55
C ASP B 125 24.17 -12.70 -1.29
N LEU B 126 23.37 -11.65 -1.48
CA LEU B 126 23.85 -10.38 -2.03
C LEU B 126 24.49 -10.53 -3.40
N GLY B 127 24.04 -11.54 -4.16
CA GLY B 127 24.57 -11.77 -5.49
C GLY B 127 25.86 -12.53 -5.56
N LYS B 128 26.32 -13.10 -4.45
CA LYS B 128 27.62 -13.75 -4.36
C LYS B 128 27.52 -15.25 -4.18
N GLY B 129 26.36 -15.84 -4.44
CA GLY B 129 26.16 -17.26 -4.18
C GLY B 129 26.60 -18.21 -5.30
N GLY B 130 26.97 -17.69 -6.46
CA GLY B 130 27.55 -18.55 -7.51
C GLY B 130 26.60 -19.35 -8.39
N ASN B 131 25.31 -18.99 -8.39
CA ASN B 131 24.33 -19.48 -9.39
C ASN B 131 23.57 -18.29 -10.02
N GLU B 132 22.80 -18.53 -11.07
CA GLU B 132 22.11 -17.44 -11.75
C GLU B 132 21.07 -16.85 -10.82
N GLU B 133 20.41 -17.70 -10.03
CA GLU B 133 19.38 -17.17 -9.12
C GLU B 133 19.96 -16.16 -8.11
N SER B 134 21.23 -16.33 -7.73
CA SER B 134 21.86 -15.38 -6.81
C SER B 134 21.78 -13.95 -7.34
N THR B 135 21.99 -13.80 -8.65
CA THR B 135 22.02 -12.52 -9.31
C THR B 135 20.64 -11.97 -9.67
N LYS B 136 19.59 -12.69 -9.25
CA LYS B 136 18.19 -12.31 -9.46
C LYS B 136 17.49 -12.05 -8.10
N THR B 137 17.54 -13.03 -7.20
CA THR B 137 16.82 -12.94 -5.94
C THR B 137 17.72 -13.00 -4.73
N GLY B 138 18.98 -13.33 -4.89
CA GLY B 138 19.86 -13.60 -3.75
C GLY B 138 19.61 -14.91 -3.05
N ASN B 139 18.79 -15.78 -3.63
CA ASN B 139 18.46 -17.08 -3.04
C ASN B 139 17.82 -16.97 -1.64
N ALA B 140 17.04 -15.89 -1.45
CA ALA B 140 16.43 -15.63 -0.16
C ALA B 140 15.13 -16.39 0.11
N GLY B 141 14.68 -17.21 -0.83
CA GLY B 141 13.56 -18.06 -0.58
C GLY B 141 12.22 -17.37 -0.51
N SER B 142 11.32 -17.99 0.22
CA SER B 142 9.92 -17.59 0.13
C SER B 142 9.66 -16.31 0.89
N ARG B 143 8.43 -15.83 0.79
CA ARG B 143 8.06 -14.51 1.31
C ARG B 143 7.26 -14.70 2.57
N LEU B 144 7.87 -14.47 3.70
CA LEU B 144 7.22 -14.75 4.96
C LEU B 144 6.15 -13.73 5.33
N ALA B 145 6.45 -12.47 5.05
CA ALA B 145 5.53 -11.36 5.39
C ALA B 145 5.85 -10.21 4.43
N CYS B 146 4.83 -9.36 4.22
CA CYS B 146 4.97 -8.27 3.29
C CYS B 146 3.88 -7.24 3.59
N GLY B 147 4.05 -6.08 2.97
CA GLY B 147 3.02 -5.04 3.00
C GLY B 147 3.31 -4.03 1.95
N VAL B 148 2.27 -3.24 1.60
CA VAL B 148 2.44 -2.18 0.64
C VAL B 148 2.95 -0.93 1.38
N ILE B 149 3.98 -0.29 0.85
CA ILE B 149 4.57 0.91 1.44
C ILE B 149 3.64 2.08 1.15
N GLY B 150 3.24 2.79 2.21
CA GLY B 150 2.27 3.88 2.08
C GLY B 150 2.79 5.21 2.55
N ILE B 151 2.18 6.25 2.03
CA ILE B 151 2.46 7.63 2.46
C ILE B 151 2.08 7.82 3.92
N ALA B 152 2.98 8.40 4.70
CA ALA B 152 2.74 8.61 6.14
C ALA B 152 2.62 10.07 6.47
N GLN B 153 1.96 10.31 7.61
CA GLN B 153 1.76 11.64 8.14
C GLN B 153 3.05 12.28 8.62
CU CU C . -13.58 6.67 4.28
CU CU C . -14.06 7.78 4.58
ZN ZN D . -14.80 13.01 1.76
S SO4 E . -12.15 3.67 13.04
O1 SO4 E . -11.03 4.20 12.32
O2 SO4 E . -11.75 3.55 14.42
O3 SO4 E . -13.20 4.66 12.97
O4 SO4 E . -12.69 2.42 12.54
S SO4 F . -18.21 9.59 11.51
O1 SO4 F . -18.45 10.85 12.22
O2 SO4 F . -17.36 8.66 12.28
O3 SO4 F . -19.49 8.91 11.22
O4 SO4 F . -17.54 9.88 10.30
C ACT G . 0.50 14.15 1.60
O ACT G . 0.59 14.24 0.33
OXT ACT G . -0.35 13.35 2.14
CH3 ACT G . 1.46 14.92 2.47
F5 5UD H . -13.62 -2.43 -16.18
C5 5UD H . -13.96 -3.56 -15.58
C4 5UD H . -15.18 -3.58 -14.75
O4 5UD H . -15.84 -2.53 -14.65
N3 5UD H . -15.54 -4.70 -14.13
C2 5UD H . -14.81 -5.81 -14.28
O2 5UD H . -15.19 -6.84 -13.68
C6 5UD H . -13.20 -4.72 -15.70
N1 5UD H . -13.62 -5.82 -15.07
C1' 5UD H . -12.84 -7.07 -15.14
C2' 5UD H . -13.53 -8.16 -15.96
O2' 5UD H . -13.98 -9.16 -15.04
C3' 5UD H . -12.48 -8.64 -16.96
O3' 5UD H . -12.99 -8.64 -18.30
C4' 5UD H . -11.30 -7.68 -16.85
O4' 5UD H . -11.53 -6.87 -15.69
C5' 5UD H . -11.17 -6.77 -18.06
O5' 5UD H . -10.15 -5.78 -17.84
S SO4 I . 22.69 -22.04 -12.64
O1 SO4 I . 23.65 -21.04 -12.23
O2 SO4 I . 23.26 -23.38 -12.58
O3 SO4 I . 21.52 -21.97 -11.75
O4 SO4 I . 22.31 -21.74 -14.02
CU CU J . 12.38 -9.79 -1.63
CU CU J . 13.16 -10.32 -2.43
ZN ZN K . 17.45 -7.72 -5.81
S SO4 L . 14.61 -18.22 -4.37
O1 SO4 L . 14.93 -16.82 -4.29
O2 SO4 L . 15.38 -18.79 -3.23
O3 SO4 L . 13.17 -18.50 -4.15
O4 SO4 L . 15.05 -18.84 -5.61
S SO4 M . 6.28 -17.07 -2.20
O1 SO4 M . 5.74 -15.91 -2.84
O2 SO4 M . 6.34 -16.92 -0.78
O3 SO4 M . 5.57 -18.29 -2.56
O4 SO4 M . 7.67 -17.27 -2.64
C ACT N . 3.52 -5.90 14.56
O ACT N . 3.74 -4.69 14.83
OXT ACT N . 4.18 -6.87 14.97
CH3 ACT N . 2.33 -6.24 13.70
F5 5UD O . 14.19 3.51 16.15
C5 5UD O . 14.57 4.48 15.34
C4 5UD O . 15.69 4.19 14.41
O4 5UD O . 16.25 3.08 14.40
N3 5UD O . 16.09 5.15 13.57
C2 5UD O . 15.49 6.34 13.59
O2 5UD O . 15.90 7.20 12.81
C6 5UD O . 13.95 5.74 15.33
N1 5UD O . 14.40 6.64 14.43
C1' 5UD O . 13.93 8.04 14.34
C2' 5UD O . 12.50 8.44 14.69
O2' 5UD O . 11.53 7.54 14.17
C3' 5UD O . 12.46 9.84 14.07
O3' 5UD O . 11.38 10.06 13.16
C4' 5UD O . 13.76 9.95 13.30
O4' 5UD O . 14.11 8.60 13.04
C5' 5UD O . 13.68 10.80 12.03
O5' 5UD O . 14.30 12.05 12.34
#